data_1M99
#
_entry.id   1M99
#
_cell.length_a   115.07
_cell.length_b   115.07
_cell.length_c   78.28
_cell.angle_alpha   90.00
_cell.angle_beta   90.00
_cell.angle_gamma   120.00
#
_symmetry.space_group_name_H-M   'P 63 2 2'
#
loop_
_entity.id
_entity.type
_entity.pdbx_description
1 polymer 'Glutathione S-Transferase 26kDa'
2 non-polymer 'GLUTATHIONE SULFONIC ACID'
3 water water
#
_entity_poly.entity_id   1
_entity_poly.type   'polypeptide(L)'
_entity_poly.pdbx_seq_one_letter_code
;MSPILGYWKIKGLVQPTRLLLEYLEEKYEEHLYERDEGDKWRNKKFELGLEFPNLPYYIDGDVKLTQSMAIIRYIADKHN
MLGGCPKERAEISMLEGAVLDIRYGVSRIAYSKDFETLKVDFLSKLPEMLKMFEDRLCHKTYLNGDHVTHPDFMLYDALD
VVLYMDPMCLDAFPKLVCFKKRIEAIPQIDKYLKSSKYIAWPLQGWQATFGGGDHPPK
;
_entity_poly.pdbx_strand_id   A
#
# COMPACT_ATOMS: atom_id res chain seq x y z
N MET A 1 10.93 13.66 18.79
CA MET A 1 10.17 14.35 17.69
C MET A 1 9.34 13.35 16.88
N SER A 2 8.42 13.88 16.08
CA SER A 2 7.55 13.06 15.25
C SER A 2 8.30 12.32 14.15
N PRO A 3 8.03 11.02 13.99
CA PRO A 3 8.69 10.21 12.96
C PRO A 3 8.55 10.86 11.58
N ILE A 4 9.54 10.64 10.74
CA ILE A 4 9.55 11.18 9.39
C ILE A 4 9.42 10.07 8.35
N LEU A 5 8.40 10.18 7.51
CA LEU A 5 8.15 9.19 6.46
C LEU A 5 8.46 9.90 5.15
N GLY A 6 9.42 9.36 4.38
CA GLY A 6 9.78 10.00 3.13
C GLY A 6 9.49 9.18 1.88
N TYR A 7 8.99 9.83 0.85
CA TYR A 7 8.66 9.14 -0.40
C TYR A 7 8.23 10.16 -1.44
N TRP A 8 7.99 9.70 -2.66
CA TRP A 8 7.53 10.58 -3.71
C TRP A 8 6.09 10.95 -3.33
N LYS A 9 5.57 12.00 -3.95
CA LYS A 9 4.21 12.40 -3.66
C LYS A 9 3.29 11.61 -4.59
N ILE A 10 3.27 10.30 -4.37
CA ILE A 10 2.46 9.36 -5.13
C ILE A 10 1.98 8.32 -4.12
N LYS A 11 1.06 7.44 -4.51
CA LYS A 11 0.61 6.42 -3.58
C LYS A 11 1.71 5.37 -3.50
N GLY A 12 2.00 4.77 -4.64
CA GLY A 12 3.06 3.77 -4.74
C GLY A 12 3.18 2.76 -3.62
N LEU A 13 4.43 2.49 -3.23
CA LEU A 13 4.73 1.52 -2.19
C LEU A 13 4.40 1.91 -0.76
N VAL A 14 4.24 3.21 -0.50
CA VAL A 14 3.99 3.69 0.86
C VAL A 14 2.54 3.93 1.30
N GLN A 15 1.61 4.00 0.36
CA GLN A 15 0.19 4.24 0.71
C GLN A 15 -0.33 3.34 1.83
N PRO A 16 -0.11 2.02 1.76
CA PRO A 16 -0.60 1.14 2.83
C PRO A 16 -0.04 1.58 4.20
N THR A 17 1.21 2.02 4.19
CA THR A 17 1.86 2.47 5.41
C THR A 17 1.20 3.74 5.92
N ARG A 18 0.86 4.65 5.01
CA ARG A 18 0.21 5.88 5.42
C ARG A 18 -1.13 5.53 6.07
N LEU A 19 -1.86 4.60 5.47
CA LEU A 19 -3.15 4.19 6.02
C LEU A 19 -3.02 3.54 7.40
N LEU A 20 -1.99 2.72 7.61
CA LEU A 20 -1.78 2.09 8.91
C LEU A 20 -1.50 3.13 10.00
N LEU A 21 -0.70 4.15 9.65
CA LEU A 21 -0.36 5.24 10.57
C LEU A 21 -1.60 6.02 10.97
N GLU A 22 -2.45 6.32 9.99
CA GLU A 22 -3.68 7.04 10.23
C GLU A 22 -4.61 6.22 11.13
N TYR A 23 -4.76 4.94 10.80
CA TYR A 23 -5.59 4.02 11.57
C TYR A 23 -5.13 3.95 13.04
N LEU A 24 -3.82 3.92 13.23
CA LEU A 24 -3.23 3.84 14.56
C LEU A 24 -3.20 5.23 15.19
N GLU A 25 -3.53 6.24 14.38
CA GLU A 25 -3.53 7.61 14.86
C GLU A 25 -2.16 8.04 15.37
N GLU A 26 -1.12 7.56 14.69
CA GLU A 26 0.25 7.91 15.04
C GLU A 26 0.56 9.25 14.39
N LYS A 27 1.34 10.08 15.09
CA LYS A 27 1.72 11.38 14.58
C LYS A 27 2.97 11.16 13.72
N TYR A 28 3.05 11.88 12.61
CA TYR A 28 4.21 11.74 11.73
C TYR A 28 4.24 12.84 10.70
N GLU A 29 5.45 13.17 10.24
CA GLU A 29 5.62 14.19 9.22
C GLU A 29 6.09 13.47 7.96
N GLU A 30 5.80 14.05 6.80
CA GLU A 30 6.20 13.44 5.55
C GLU A 30 7.11 14.34 4.73
N HIS A 31 8.18 13.75 4.20
CA HIS A 31 9.11 14.44 3.33
C HIS A 31 8.65 13.97 1.95
N LEU A 32 7.84 14.78 1.28
CA LEU A 32 7.31 14.42 -0.02
C LEU A 32 8.10 15.02 -1.18
N TYR A 33 8.61 14.13 -2.04
CA TYR A 33 9.37 14.56 -3.21
C TYR A 33 8.43 14.71 -4.40
N GLU A 34 8.38 15.93 -4.93
CA GLU A 34 7.54 16.24 -6.08
C GLU A 34 8.13 15.62 -7.32
N ARG A 35 7.33 15.61 -8.39
CA ARG A 35 7.76 15.04 -9.66
C ARG A 35 9.05 15.65 -10.19
N ASP A 36 9.33 16.89 -9.81
CA ASP A 36 10.54 17.55 -10.29
C ASP A 36 11.61 17.73 -9.22
N GLU A 37 11.52 16.93 -8.15
CA GLU A 37 12.50 17.04 -7.07
C GLU A 37 13.43 15.84 -7.02
N GLY A 38 13.58 15.15 -8.15
CA GLY A 38 14.45 14.01 -8.20
C GLY A 38 15.85 14.33 -7.70
N ASP A 39 16.34 15.51 -8.07
CA ASP A 39 17.68 15.94 -7.65
C ASP A 39 17.71 16.26 -6.16
N LYS A 40 16.60 16.77 -5.65
CA LYS A 40 16.53 17.09 -4.23
C LYS A 40 16.77 15.79 -3.46
N TRP A 41 16.19 14.70 -3.95
CA TRP A 41 16.35 13.41 -3.31
C TRP A 41 17.78 12.89 -3.46
N ARG A 42 18.31 12.95 -4.68
CA ARG A 42 19.66 12.48 -4.93
C ARG A 42 20.70 13.10 -4.01
N ASN A 43 20.61 14.41 -3.80
CA ASN A 43 21.56 15.11 -2.94
C ASN A 43 21.37 14.85 -1.47
N LYS A 44 20.28 14.16 -1.13
CA LYS A 44 19.99 13.87 0.27
C LYS A 44 20.09 12.37 0.56
N LYS A 45 19.89 11.58 -0.50
CA LYS A 45 19.93 10.11 -0.42
C LYS A 45 21.00 9.50 0.48
N PHE A 46 22.25 9.82 0.22
CA PHE A 46 23.34 9.27 1.01
C PHE A 46 23.70 10.10 2.23
N GLU A 47 22.84 11.06 2.57
CA GLU A 47 23.09 11.94 3.71
C GLU A 47 22.10 11.82 4.87
N LEU A 48 21.20 10.84 4.83
CA LEU A 48 20.22 10.69 5.91
C LEU A 48 20.58 9.66 6.99
N GLY A 49 21.71 9.00 6.82
CA GLY A 49 22.12 8.01 7.81
C GLY A 49 21.51 6.65 7.55
N LEU A 50 20.88 6.50 6.40
CA LEU A 50 20.25 5.24 6.01
C LEU A 50 21.31 4.22 5.58
N GLU A 51 21.20 2.99 6.08
CA GLU A 51 22.15 1.95 5.72
C GLU A 51 21.91 1.44 4.31
N PHE A 52 20.66 1.47 3.88
CA PHE A 52 20.30 1.01 2.53
C PHE A 52 19.43 2.08 1.89
N PRO A 53 20.03 3.25 1.60
CA PRO A 53 19.39 4.41 0.98
C PRO A 53 18.39 4.04 -0.10
N ASN A 54 17.15 4.49 0.07
CA ASN A 54 16.09 4.17 -0.89
C ASN A 54 14.81 4.92 -0.48
N LEU A 55 13.78 4.82 -1.31
CA LEU A 55 12.49 5.44 -1.01
C LEU A 55 11.48 4.31 -1.08
N PRO A 56 10.61 4.20 -0.07
CA PRO A 56 10.49 5.08 1.10
C PRO A 56 11.48 4.84 2.24
N TYR A 57 11.57 5.82 3.13
CA TYR A 57 12.41 5.71 4.31
C TYR A 57 11.60 6.17 5.52
N TYR A 58 11.97 5.69 6.69
CA TYR A 58 11.26 6.04 7.92
C TYR A 58 12.27 6.34 9.00
N ILE A 59 12.27 7.60 9.46
CA ILE A 59 13.20 8.04 10.49
C ILE A 59 12.47 8.53 11.74
N ASP A 60 12.76 7.90 12.87
CA ASP A 60 12.17 8.31 14.13
C ASP A 60 13.22 8.18 15.22
N GLY A 61 12.99 8.81 16.37
CA GLY A 61 13.95 8.77 17.47
C GLY A 61 14.65 7.47 17.80
N ASP A 62 14.13 6.34 17.31
CA ASP A 62 14.74 5.05 17.61
C ASP A 62 15.33 4.29 16.42
N VAL A 63 14.85 4.56 15.21
CA VAL A 63 15.34 3.83 14.06
C VAL A 63 15.42 4.63 12.76
N LYS A 64 16.16 4.09 11.81
CA LYS A 64 16.34 4.67 10.48
C LYS A 64 16.08 3.50 9.54
N LEU A 65 14.94 3.51 8.85
CA LEU A 65 14.61 2.40 7.97
C LEU A 65 14.29 2.75 6.53
N THR A 66 14.51 1.76 5.66
CA THR A 66 14.18 1.83 4.24
C THR A 66 13.58 0.44 3.96
N GLN A 67 12.96 0.28 2.80
CA GLN A 67 12.28 -0.95 2.39
C GLN A 67 10.85 -0.85 2.92
N SER A 68 9.91 -0.52 2.02
CA SER A 68 8.52 -0.34 2.40
C SER A 68 7.96 -1.41 3.35
N MET A 69 8.33 -2.67 3.13
CA MET A 69 7.81 -3.75 3.98
C MET A 69 8.40 -3.80 5.39
N ALA A 70 9.67 -3.41 5.52
CA ALA A 70 10.26 -3.41 6.84
C ALA A 70 9.64 -2.25 7.61
N ILE A 71 9.29 -1.19 6.88
CA ILE A 71 8.69 -0.02 7.49
C ILE A 71 7.28 -0.29 8.02
N ILE A 72 6.41 -0.84 7.18
CA ILE A 72 5.05 -1.10 7.65
C ILE A 72 5.05 -2.17 8.76
N ARG A 73 5.95 -3.15 8.65
CA ARG A 73 6.02 -4.18 9.68
C ARG A 73 6.53 -3.59 10.98
N TYR A 74 7.46 -2.65 10.90
CA TYR A 74 8.00 -2.02 12.10
C TYR A 74 6.86 -1.32 12.83
N ILE A 75 6.12 -0.49 12.11
CA ILE A 75 5.02 0.22 12.71
C ILE A 75 4.01 -0.74 13.34
N ALA A 76 3.66 -1.80 12.64
CA ALA A 76 2.71 -2.78 13.17
C ALA A 76 3.29 -3.48 14.41
N ASP A 77 4.57 -3.83 14.35
CA ASP A 77 5.26 -4.53 15.44
C ASP A 77 5.29 -3.65 16.70
N LYS A 78 5.45 -2.35 16.52
CA LYS A 78 5.48 -1.44 17.64
C LYS A 78 4.14 -1.36 18.34
N HIS A 79 3.11 -1.97 17.74
CA HIS A 79 1.77 -1.97 18.29
C HIS A 79 1.29 -3.40 18.50
N ASN A 80 2.22 -4.35 18.48
CA ASN A 80 1.92 -5.77 18.68
C ASN A 80 0.90 -6.30 17.70
N MET A 81 1.05 -5.92 16.43
CA MET A 81 0.11 -6.36 15.41
C MET A 81 0.65 -7.39 14.43
N LEU A 82 1.88 -7.87 14.63
CA LEU A 82 2.47 -8.84 13.69
C LEU A 82 2.04 -10.29 13.88
N GLY A 83 1.52 -10.62 15.06
CA GLY A 83 1.09 -11.98 15.33
C GLY A 83 1.57 -12.45 16.70
N GLY A 84 0.71 -13.16 17.42
CA GLY A 84 1.05 -13.63 18.75
C GLY A 84 1.92 -14.87 18.83
N CYS A 85 2.08 -15.58 17.71
CA CYS A 85 2.90 -16.77 17.69
C CYS A 85 3.39 -17.03 16.28
N PRO A 86 4.39 -17.91 16.12
CA PRO A 86 4.94 -18.22 14.80
C PRO A 86 3.89 -18.46 13.72
N LYS A 87 2.92 -19.31 14.02
CA LYS A 87 1.87 -19.63 13.07
C LYS A 87 1.08 -18.40 12.62
N GLU A 88 0.66 -17.58 13.58
CA GLU A 88 -0.09 -16.39 13.25
C GLU A 88 0.75 -15.41 12.42
N ARG A 89 1.99 -15.18 12.85
CA ARG A 89 2.87 -14.27 12.14
C ARG A 89 3.12 -14.75 10.70
N ALA A 90 3.14 -16.07 10.50
CA ALA A 90 3.35 -16.63 9.18
C ALA A 90 2.12 -16.40 8.31
N GLU A 91 0.94 -16.50 8.93
CA GLU A 91 -0.33 -16.30 8.25
C GLU A 91 -0.34 -14.88 7.72
N ILE A 92 0.05 -13.95 8.59
CA ILE A 92 0.10 -12.53 8.24
C ILE A 92 1.15 -12.24 7.16
N SER A 93 2.29 -12.92 7.22
CA SER A 93 3.34 -12.74 6.21
C SER A 93 2.86 -13.32 4.88
N MET A 94 2.09 -14.40 4.96
CA MET A 94 1.56 -15.03 3.77
C MET A 94 0.58 -14.06 3.11
N LEU A 95 -0.25 -13.41 3.92
CA LEU A 95 -1.21 -12.45 3.40
C LEU A 95 -0.48 -11.29 2.73
N GLU A 96 0.62 -10.82 3.30
CA GLU A 96 1.37 -9.73 2.68
C GLU A 96 1.79 -10.16 1.28
N GLY A 97 2.50 -11.29 1.22
CA GLY A 97 2.99 -11.80 -0.06
C GLY A 97 1.93 -11.94 -1.13
N ALA A 98 0.76 -12.48 -0.75
CA ALA A 98 -0.33 -12.67 -1.69
C ALA A 98 -0.85 -11.33 -2.19
N VAL A 99 -0.87 -10.32 -1.32
CA VAL A 99 -1.32 -9.01 -1.74
C VAL A 99 -0.30 -8.42 -2.71
N LEU A 100 0.98 -8.55 -2.38
CA LEU A 100 2.04 -8.00 -3.21
C LEU A 100 2.03 -8.59 -4.62
N ASP A 101 1.65 -9.86 -4.75
CA ASP A 101 1.60 -10.48 -6.07
C ASP A 101 0.65 -9.69 -6.95
N ILE A 102 -0.43 -9.18 -6.37
CA ILE A 102 -1.39 -8.37 -7.11
C ILE A 102 -0.87 -6.95 -7.31
N ARG A 103 -0.44 -6.29 -6.23
CA ARG A 103 0.04 -4.92 -6.34
C ARG A 103 1.23 -4.81 -7.27
N TYR A 104 2.19 -5.71 -7.09
CA TYR A 104 3.40 -5.73 -7.92
C TYR A 104 3.03 -6.20 -9.32
N GLY A 105 1.95 -6.97 -9.42
CA GLY A 105 1.53 -7.44 -10.72
C GLY A 105 1.15 -6.27 -11.60
N VAL A 106 0.64 -5.22 -10.98
CA VAL A 106 0.26 -3.99 -11.67
C VAL A 106 1.49 -3.17 -12.04
N SER A 107 2.33 -2.88 -11.05
CA SER A 107 3.52 -2.08 -11.31
C SER A 107 4.41 -2.69 -12.39
N ARG A 108 4.51 -4.01 -12.40
CA ARG A 108 5.34 -4.72 -13.36
C ARG A 108 5.01 -4.40 -14.83
N ILE A 109 3.75 -4.11 -15.13
CA ILE A 109 3.35 -3.83 -16.49
C ILE A 109 2.92 -2.39 -16.72
N ALA A 110 2.82 -1.61 -15.64
CA ALA A 110 2.36 -0.22 -15.74
C ALA A 110 3.32 0.78 -16.38
N TYR A 111 4.56 0.37 -16.63
CA TYR A 111 5.53 1.28 -17.22
C TYR A 111 5.89 0.90 -18.65
N SER A 112 5.16 -0.07 -19.20
CA SER A 112 5.41 -0.53 -20.55
C SER A 112 4.67 0.27 -21.61
N LYS A 113 5.21 0.22 -22.83
CA LYS A 113 4.63 0.92 -23.95
C LYS A 113 3.44 0.10 -24.46
N ASP A 114 3.46 -1.19 -24.15
CA ASP A 114 2.40 -2.11 -24.58
C ASP A 114 1.48 -2.48 -23.42
N PHE A 115 1.20 -1.50 -22.55
CA PHE A 115 0.35 -1.75 -21.39
C PHE A 115 -0.95 -2.51 -21.67
N GLU A 116 -1.71 -2.07 -22.68
CA GLU A 116 -2.98 -2.71 -23.02
C GLU A 116 -2.86 -4.20 -23.27
N THR A 117 -1.83 -4.60 -24.00
CA THR A 117 -1.63 -6.01 -24.30
C THR A 117 -1.27 -6.78 -23.03
N LEU A 118 -0.42 -6.19 -22.20
CA LEU A 118 -0.01 -6.83 -20.96
C LEU A 118 -1.18 -6.88 -20.00
N LYS A 119 -1.99 -5.81 -20.01
CA LYS A 119 -3.17 -5.68 -19.16
C LYS A 119 -4.14 -6.83 -19.37
N VAL A 120 -4.33 -7.24 -20.63
CA VAL A 120 -5.24 -8.34 -20.95
C VAL A 120 -4.76 -9.61 -20.25
N ASP A 121 -3.47 -9.89 -20.39
CA ASP A 121 -2.87 -11.06 -19.78
C ASP A 121 -3.06 -10.97 -18.27
N PHE A 122 -2.77 -9.80 -17.71
CA PHE A 122 -2.89 -9.59 -16.27
C PHE A 122 -4.32 -9.73 -15.76
N LEU A 123 -5.25 -9.06 -16.42
CA LEU A 123 -6.65 -9.11 -16.00
C LEU A 123 -7.23 -10.49 -16.20
N SER A 124 -6.48 -11.34 -16.89
CA SER A 124 -6.89 -12.71 -17.15
C SER A 124 -6.54 -13.60 -15.97
N LYS A 125 -5.47 -13.24 -15.25
CA LYS A 125 -5.03 -14.01 -14.09
C LYS A 125 -5.53 -13.46 -12.76
N LEU A 126 -5.85 -12.17 -12.73
CA LEU A 126 -6.33 -11.50 -11.52
C LEU A 126 -7.49 -12.21 -10.79
N PRO A 127 -8.50 -12.67 -11.53
CA PRO A 127 -9.66 -13.35 -10.93
C PRO A 127 -9.32 -14.50 -9.97
N GLU A 128 -8.34 -15.32 -10.33
CA GLU A 128 -7.95 -16.44 -9.48
C GLU A 128 -7.24 -15.92 -8.25
N MET A 129 -6.50 -14.82 -8.40
CA MET A 129 -5.82 -14.22 -7.27
C MET A 129 -6.87 -13.62 -6.33
N LEU A 130 -7.83 -12.89 -6.89
CA LEU A 130 -8.89 -12.27 -6.10
C LEU A 130 -9.75 -13.30 -5.37
N LYS A 131 -10.09 -14.39 -6.05
CA LYS A 131 -10.91 -15.42 -5.42
C LYS A 131 -10.28 -15.98 -4.15
N MET A 132 -8.95 -16.06 -4.09
CA MET A 132 -8.30 -16.59 -2.90
C MET A 132 -8.63 -15.68 -1.71
N PHE A 133 -8.72 -14.38 -1.97
CA PHE A 133 -9.05 -13.44 -0.91
C PHE A 133 -10.54 -13.46 -0.63
N GLU A 134 -11.34 -13.63 -1.69
CA GLU A 134 -12.78 -13.69 -1.54
C GLU A 134 -13.12 -14.83 -0.57
N ASP A 135 -12.47 -15.98 -0.77
CA ASP A 135 -12.71 -17.14 0.09
C ASP A 135 -12.17 -16.90 1.49
N ARG A 136 -11.08 -16.16 1.59
CA ARG A 136 -10.49 -15.88 2.88
C ARG A 136 -11.45 -15.03 3.71
N LEU A 137 -12.21 -14.17 3.03
CA LEU A 137 -13.14 -13.26 3.68
C LEU A 137 -14.59 -13.76 3.81
N CYS A 138 -14.85 -14.98 3.41
CA CYS A 138 -16.23 -15.46 3.50
C CYS A 138 -16.73 -15.65 4.93
N HIS A 139 -15.82 -15.91 5.85
CA HIS A 139 -16.21 -16.06 7.25
C HIS A 139 -15.30 -15.21 8.14
N LYS A 140 -14.91 -14.04 7.63
CA LYS A 140 -14.05 -13.12 8.38
C LYS A 140 -14.35 -11.67 8.02
N THR A 141 -14.28 -10.79 9.01
CA THR A 141 -14.53 -9.38 8.79
C THR A 141 -13.31 -8.79 8.08
N TYR A 142 -12.13 -9.13 8.59
CA TYR A 142 -10.87 -8.68 8.03
C TYR A 142 -10.04 -9.91 7.71
N LEU A 143 -8.93 -9.72 7.00
CA LEU A 143 -8.08 -10.82 6.60
C LEU A 143 -7.62 -11.75 7.70
N ASN A 144 -7.41 -11.22 8.90
CA ASN A 144 -6.96 -12.07 10.01
C ASN A 144 -8.05 -12.31 11.05
N GLY A 145 -9.29 -12.00 10.70
CA GLY A 145 -10.38 -12.21 11.63
C GLY A 145 -11.15 -10.95 12.00
N ASP A 146 -11.44 -10.81 13.30
CA ASP A 146 -12.19 -9.66 13.79
C ASP A 146 -11.38 -8.37 13.89
N HIS A 147 -10.06 -8.48 13.97
CA HIS A 147 -9.22 -7.30 14.09
C HIS A 147 -8.32 -6.99 12.88
N VAL A 148 -8.20 -5.71 12.59
CA VAL A 148 -7.40 -5.20 11.50
C VAL A 148 -5.90 -5.45 11.67
N THR A 149 -5.24 -5.83 10.57
CA THR A 149 -3.79 -6.07 10.56
C THR A 149 -3.28 -5.29 9.35
N HIS A 150 -1.96 -5.07 9.26
CA HIS A 150 -1.48 -4.28 8.14
C HIS A 150 -1.78 -4.84 6.75
N PRO A 151 -1.94 -6.18 6.63
CA PRO A 151 -2.25 -6.69 5.28
C PRO A 151 -3.58 -6.14 4.76
N ASP A 152 -4.49 -5.80 5.68
CA ASP A 152 -5.78 -5.26 5.28
C ASP A 152 -5.61 -3.96 4.49
N PHE A 153 -4.69 -3.11 4.91
CA PHE A 153 -4.46 -1.85 4.23
C PHE A 153 -3.72 -2.09 2.91
N MET A 154 -2.91 -3.14 2.89
CA MET A 154 -2.20 -3.46 1.66
C MET A 154 -3.25 -3.93 0.65
N LEU A 155 -4.12 -4.85 1.07
CA LEU A 155 -5.16 -5.34 0.18
C LEU A 155 -6.01 -4.19 -0.31
N TYR A 156 -6.40 -3.31 0.60
CA TYR A 156 -7.21 -2.16 0.26
C TYR A 156 -6.55 -1.37 -0.87
N ASP A 157 -5.27 -1.07 -0.70
CA ASP A 157 -4.49 -0.33 -1.69
C ASP A 157 -4.52 -1.07 -3.03
N ALA A 158 -4.30 -2.38 -3.00
CA ALA A 158 -4.31 -3.17 -4.23
C ALA A 158 -5.66 -3.15 -4.92
N LEU A 159 -6.75 -3.20 -4.15
CA LEU A 159 -8.10 -3.17 -4.73
C LEU A 159 -8.38 -1.79 -5.30
N ASP A 160 -7.91 -0.77 -4.60
CA ASP A 160 -8.09 0.60 -5.06
C ASP A 160 -7.44 0.74 -6.43
N VAL A 161 -6.25 0.14 -6.57
CA VAL A 161 -5.50 0.19 -7.81
C VAL A 161 -6.08 -0.63 -8.97
N VAL A 162 -6.46 -1.88 -8.72
CA VAL A 162 -7.02 -2.68 -9.80
C VAL A 162 -8.39 -2.14 -10.23
N LEU A 163 -9.06 -1.41 -9.36
CA LEU A 163 -10.36 -0.85 -9.72
C LEU A 163 -10.19 0.27 -10.74
N TYR A 164 -9.07 0.98 -10.69
CA TYR A 164 -8.82 2.04 -11.66
C TYR A 164 -8.51 1.37 -13.01
N MET A 165 -7.85 0.22 -12.96
CA MET A 165 -7.49 -0.52 -14.16
C MET A 165 -8.73 -1.14 -14.80
N ASP A 166 -9.61 -1.67 -13.96
CA ASP A 166 -10.84 -2.30 -14.42
C ASP A 166 -11.89 -2.14 -13.33
N PRO A 167 -12.80 -1.16 -13.49
CA PRO A 167 -13.88 -0.86 -12.54
C PRO A 167 -14.84 -2.03 -12.28
N MET A 168 -14.77 -3.05 -13.13
CA MET A 168 -15.65 -4.21 -12.99
C MET A 168 -14.96 -5.48 -12.52
N CYS A 169 -13.66 -5.40 -12.23
CA CYS A 169 -12.93 -6.59 -11.79
C CYS A 169 -13.41 -7.17 -10.46
N LEU A 170 -14.27 -6.45 -9.75
CA LEU A 170 -14.76 -6.97 -8.48
C LEU A 170 -16.23 -7.44 -8.54
N ASP A 171 -16.86 -7.29 -9.70
CA ASP A 171 -18.26 -7.70 -9.86
C ASP A 171 -18.60 -9.12 -9.41
N ALA A 172 -17.65 -10.05 -9.52
CA ALA A 172 -17.92 -11.42 -9.11
C ALA A 172 -17.44 -11.67 -7.69
N PHE A 173 -16.89 -10.66 -7.05
CA PHE A 173 -16.36 -10.83 -5.70
C PHE A 173 -16.99 -9.88 -4.68
N PRO A 174 -18.25 -10.15 -4.31
CA PRO A 174 -18.97 -9.31 -3.33
C PRO A 174 -18.28 -9.12 -1.98
N LYS A 175 -17.61 -10.15 -1.47
CA LYS A 175 -16.91 -10.03 -0.19
C LYS A 175 -15.77 -9.01 -0.28
N LEU A 176 -15.11 -8.96 -1.43
CA LEU A 176 -14.02 -8.01 -1.63
C LEU A 176 -14.58 -6.60 -1.77
N VAL A 177 -15.75 -6.48 -2.38
CA VAL A 177 -16.39 -5.17 -2.55
C VAL A 177 -16.76 -4.62 -1.18
N CYS A 178 -17.31 -5.47 -0.33
CA CYS A 178 -17.73 -5.06 1.01
C CYS A 178 -16.51 -4.79 1.87
N PHE A 179 -15.45 -5.56 1.65
CA PHE A 179 -14.22 -5.36 2.41
C PHE A 179 -13.65 -3.96 2.16
N LYS A 180 -13.64 -3.55 0.89
CA LYS A 180 -13.12 -2.24 0.53
C LYS A 180 -13.97 -1.15 1.18
N LYS A 181 -15.29 -1.34 1.17
CA LYS A 181 -16.17 -0.36 1.79
C LYS A 181 -15.96 -0.39 3.29
N ARG A 182 -15.78 -1.58 3.85
CA ARG A 182 -15.58 -1.73 5.29
C ARG A 182 -14.35 -0.97 5.79
N ILE A 183 -13.29 -0.97 4.99
CA ILE A 183 -12.07 -0.26 5.36
C ILE A 183 -12.35 1.24 5.32
N GLU A 184 -13.08 1.67 4.30
CA GLU A 184 -13.42 3.08 4.15
C GLU A 184 -14.37 3.53 5.26
N ALA A 185 -15.03 2.55 5.90
CA ALA A 185 -15.97 2.85 6.98
C ALA A 185 -15.27 3.03 8.32
N ILE A 186 -13.96 2.74 8.35
CA ILE A 186 -13.20 2.91 9.58
C ILE A 186 -13.02 4.43 9.77
N PRO A 187 -13.51 4.96 10.89
CA PRO A 187 -13.42 6.39 11.23
C PRO A 187 -12.11 7.10 10.84
N GLN A 188 -11.00 6.58 11.31
CA GLN A 188 -9.70 7.19 11.01
C GLN A 188 -9.43 7.22 9.52
N ILE A 189 -9.80 6.14 8.83
CA ILE A 189 -9.60 6.05 7.40
C ILE A 189 -10.47 7.05 6.64
N ASP A 190 -11.76 7.07 6.95
CA ASP A 190 -12.70 7.99 6.31
C ASP A 190 -12.24 9.43 6.49
N LYS A 191 -11.76 9.73 7.70
CA LYS A 191 -11.26 11.06 8.00
C LYS A 191 -10.04 11.39 7.14
N TYR A 192 -9.09 10.46 7.09
CA TYR A 192 -7.87 10.65 6.31
C TYR A 192 -8.15 10.81 4.83
N LEU A 193 -9.04 9.98 4.32
CA LEU A 193 -9.39 10.01 2.90
C LEU A 193 -10.12 11.31 2.52
N LYS A 194 -10.60 12.03 3.52
CA LYS A 194 -11.31 13.28 3.26
C LYS A 194 -10.46 14.51 3.61
N SER A 195 -9.28 14.27 4.17
CA SER A 195 -8.37 15.36 4.55
C SER A 195 -7.47 15.83 3.41
N SER A 196 -6.70 16.88 3.69
CA SER A 196 -5.78 17.46 2.71
C SER A 196 -4.49 16.65 2.57
N LYS A 197 -4.29 15.70 3.47
CA LYS A 197 -3.10 14.86 3.46
C LYS A 197 -3.19 13.73 2.44
N TYR A 198 -4.41 13.30 2.15
CA TYR A 198 -4.64 12.23 1.20
C TYR A 198 -4.13 12.53 -0.21
N ILE A 199 -3.30 11.62 -0.72
CA ILE A 199 -2.73 11.74 -2.07
C ILE A 199 -3.48 10.72 -2.91
N ALA A 200 -4.45 11.19 -3.69
CA ALA A 200 -5.27 10.33 -4.52
C ALA A 200 -4.63 9.90 -5.84
N TRP A 201 -3.59 10.61 -6.25
CA TRP A 201 -2.97 10.30 -7.53
C TRP A 201 -1.59 10.94 -7.58
N PRO A 202 -0.65 10.34 -8.34
CA PRO A 202 -0.81 9.13 -9.14
C PRO A 202 -0.66 7.83 -8.32
N LEU A 203 -0.92 6.70 -8.98
CA LEU A 203 -0.84 5.39 -8.34
C LEU A 203 0.62 4.91 -8.39
N GLN A 204 1.21 5.10 -9.56
CA GLN A 204 2.59 4.71 -9.83
C GLN A 204 3.39 5.98 -9.99
N GLY A 205 4.65 5.83 -10.41
CA GLY A 205 5.47 7.00 -10.64
C GLY A 205 4.80 7.78 -11.75
N TRP A 206 4.99 9.09 -11.76
CA TRP A 206 4.39 9.96 -12.76
C TRP A 206 4.64 9.55 -14.20
N GLN A 207 5.78 8.90 -14.45
CA GLN A 207 6.12 8.51 -15.82
C GLN A 207 5.44 7.24 -16.33
N ALA A 208 4.71 6.57 -15.45
CA ALA A 208 4.03 5.31 -15.80
C ALA A 208 2.95 5.50 -16.86
N THR A 209 2.85 4.52 -17.76
CA THR A 209 1.84 4.52 -18.82
C THR A 209 0.46 4.33 -18.19
N PHE A 210 0.42 3.62 -17.07
CA PHE A 210 -0.81 3.38 -16.35
C PHE A 210 -0.69 3.84 -14.90
N GLY A 211 -1.65 4.63 -14.44
CA GLY A 211 -1.61 5.11 -13.07
C GLY A 211 -0.60 6.22 -12.87
N GLY A 212 -0.14 6.81 -13.98
CA GLY A 212 0.83 7.89 -13.90
C GLY A 212 0.24 9.23 -14.27
N GLY A 213 1.09 10.23 -14.44
CA GLY A 213 0.64 11.57 -14.79
C GLY A 213 0.28 12.36 -13.56
N ASP A 214 -0.07 13.64 -13.73
CA ASP A 214 -0.42 14.45 -12.58
C ASP A 214 -1.91 14.42 -12.28
N HIS A 215 -2.70 13.83 -13.17
CA HIS A 215 -4.13 13.76 -12.95
C HIS A 215 -4.78 12.47 -13.44
N PRO A 216 -5.79 12.00 -12.70
CA PRO A 216 -6.55 10.77 -12.99
C PRO A 216 -6.99 10.70 -14.45
#